data_7TXQ
#
_entry.id   7TXQ
#
_cell.length_a   97.413
_cell.length_b   97.413
_cell.length_c   72.842
_cell.angle_alpha   90.000
_cell.angle_beta   90.000
_cell.angle_gamma   120.000
#
_symmetry.space_group_name_H-M   'H 3'
#
loop_
_entity.id
_entity.type
_entity.pdbx_description
1 polymer VioB
2 non-polymer "THYMIDINE-5'-DIPHOSPHATE"
3 non-polymer 'ACETYL COENZYME *A'
4 non-polymer 'SODIUM ION'
5 water water
#
_entity_poly.entity_id   1
_entity_poly.type   'polypeptide(L)'
_entity_poly.pdbx_seq_one_letter_code
;MKELIIVGAGGHGNEISWLAKRCGRVVRGFLDNTVEKQGTFIRDIPVLGTLDECSKFTDCDFVIAIGSPRARKKIIEHFF
PEGEFTFATLIDPTATIGENIHIEEGTMICAGGILTVDVKLGKHCIVNTNAVLSHGVILGDYVTVAPNASISGDVSLGNI
VEIGANATIREKVSVQDGAMVGMGSVVIRNILSNQVVVGNPAKLLKVIELEHHHHHH
;
_entity_poly.pdbx_strand_id   A
#
loop_
_chem_comp.id
_chem_comp.type
_chem_comp.name
_chem_comp.formula
ACO non-polymer 'ACETYL COENZYME *A' 'C23 H38 N7 O17 P3 S'
NA non-polymer 'SODIUM ION' 'Na 1'
TYD non-polymer THYMIDINE-5'-DIPHOSPHATE 'C10 H16 N2 O11 P2'
#
# COMPACT_ATOMS: atom_id res chain seq x y z
N MET A 1 8.15 -4.78 -20.79
CA MET A 1 8.30 -4.86 -19.31
C MET A 1 8.28 -6.32 -18.89
N LYS A 2 8.90 -6.64 -17.75
CA LYS A 2 8.87 -8.01 -17.18
C LYS A 2 7.43 -8.38 -16.82
N GLU A 3 7.12 -9.66 -16.83
CA GLU A 3 5.86 -10.19 -16.29
C GLU A 3 5.91 -9.99 -14.77
N LEU A 4 4.75 -10.01 -14.16
CA LEU A 4 4.55 -9.62 -12.74
C LEU A 4 4.13 -10.86 -11.94
N ILE A 5 4.77 -11.02 -10.80
CA ILE A 5 4.30 -11.94 -9.72
C ILE A 5 3.64 -11.05 -8.65
N ILE A 6 2.41 -11.40 -8.32
CA ILE A 6 1.65 -10.70 -7.25
C ILE A 6 1.69 -11.59 -6.00
N VAL A 7 2.27 -11.07 -4.93
CA VAL A 7 2.29 -11.81 -3.63
C VAL A 7 1.02 -11.43 -2.88
N GLY A 8 0.18 -12.43 -2.64
CA GLY A 8 -1.12 -12.24 -1.98
C GLY A 8 -2.25 -12.45 -2.98
N ALA A 9 -3.06 -13.47 -2.73
CA ALA A 9 -4.23 -13.80 -3.57
C ALA A 9 -5.51 -13.58 -2.77
N GLY A 10 -5.52 -12.61 -1.85
CA GLY A 10 -6.76 -12.21 -1.19
C GLY A 10 -7.41 -11.03 -1.88
N GLY A 11 -8.19 -10.27 -1.11
CA GLY A 11 -8.93 -9.11 -1.63
C GLY A 11 -8.03 -8.09 -2.32
N HIS A 12 -6.92 -7.72 -1.69
CA HIS A 12 -5.98 -6.72 -2.28
CA HIS A 12 -6.03 -6.71 -2.32
C HIS A 12 -5.33 -7.31 -3.55
N GLY A 13 -4.91 -8.58 -3.51
CA GLY A 13 -4.28 -9.22 -4.68
C GLY A 13 -5.26 -9.31 -5.85
N ASN A 14 -6.53 -9.58 -5.57
CA ASN A 14 -7.61 -9.54 -6.57
C ASN A 14 -7.57 -8.16 -7.25
N GLU A 15 -7.70 -7.09 -6.46
CA GLU A 15 -7.75 -5.73 -7.05
C GLU A 15 -6.43 -5.37 -7.72
N ILE A 16 -5.28 -5.83 -7.22
CA ILE A 16 -3.99 -5.43 -7.84
C ILE A 16 -3.77 -6.22 -9.14
N SER A 17 -4.34 -7.41 -9.30
CA SER A 17 -4.28 -8.12 -10.61
C SER A 17 -5.03 -7.30 -11.65
N TRP A 18 -6.13 -6.68 -11.23
CA TRP A 18 -6.93 -5.78 -12.08
C TRP A 18 -6.08 -4.56 -12.43
N LEU A 19 -5.49 -3.92 -11.42
CA LEU A 19 -4.61 -2.75 -11.65
C LEU A 19 -3.54 -3.14 -12.67
N ALA A 20 -2.87 -4.27 -12.48
CA ALA A 20 -1.76 -4.69 -13.35
C ALA A 20 -2.25 -4.75 -14.79
N LYS A 21 -3.41 -5.35 -15.00
CA LYS A 21 -3.98 -5.54 -16.35
C LYS A 21 -4.21 -4.16 -16.95
N ARG A 22 -4.78 -3.24 -16.17
CA ARG A 22 -5.08 -1.86 -16.61
C ARG A 22 -3.79 -1.13 -16.96
N CYS A 23 -2.70 -1.46 -16.29
CA CYS A 23 -1.35 -0.87 -16.52
C CYS A 23 -0.68 -1.51 -17.74
N GLY A 24 -1.31 -2.48 -18.41
CA GLY A 24 -0.77 -3.18 -19.60
C GLY A 24 0.22 -4.26 -19.23
N ARG A 25 0.26 -4.67 -17.96
CA ARG A 25 1.22 -5.67 -17.47
C ARG A 25 0.62 -7.06 -17.64
N VAL A 26 1.49 -8.04 -17.88
CA VAL A 26 1.09 -9.46 -17.87
C VAL A 26 1.43 -10.03 -16.50
N VAL A 27 0.41 -10.52 -15.81
CA VAL A 27 0.57 -11.16 -14.48
C VAL A 27 0.83 -12.64 -14.75
N ARG A 28 2.03 -13.11 -14.41
CA ARG A 28 2.36 -14.56 -14.51
C ARG A 28 1.50 -15.35 -13.51
N GLY A 29 1.35 -14.84 -12.30
CA GLY A 29 0.50 -15.48 -11.29
C GLY A 29 0.70 -14.90 -9.91
N PHE A 30 0.02 -15.50 -8.95
CA PHE A 30 0.13 -15.14 -7.53
C PHE A 30 1.02 -16.15 -6.81
N LEU A 31 1.70 -15.66 -5.77
CA LEU A 31 2.20 -16.54 -4.68
C LEU A 31 1.40 -16.24 -3.42
N ASP A 32 0.92 -17.29 -2.78
CA ASP A 32 0.02 -17.20 -1.61
C ASP A 32 0.20 -18.49 -0.80
N ASN A 33 0.25 -18.36 0.52
CA ASN A 33 0.53 -19.53 1.41
C ASN A 33 -0.77 -20.23 1.78
N THR A 34 -1.93 -19.73 1.35
CA THR A 34 -3.23 -20.27 1.82
C THR A 34 -3.43 -21.66 1.18
N VAL A 35 -3.57 -22.70 2.00
CA VAL A 35 -3.70 -24.11 1.53
C VAL A 35 -4.89 -24.19 0.54
N GLU A 36 -6.02 -23.58 0.88
CA GLU A 36 -7.30 -23.63 0.12
C GLU A 36 -7.11 -22.95 -1.24
N LYS A 37 -6.05 -22.17 -1.43
CA LYS A 37 -5.89 -21.37 -2.67
C LYS A 37 -4.94 -22.04 -3.66
N GLN A 38 -4.25 -23.12 -3.25
CA GLN A 38 -3.36 -23.84 -4.20
C GLN A 38 -4.26 -24.42 -5.30
N GLY A 39 -3.82 -24.32 -6.56
CA GLY A 39 -4.59 -24.82 -7.71
C GLY A 39 -5.77 -23.92 -8.07
N THR A 40 -5.89 -22.71 -7.51
CA THR A 40 -7.05 -21.82 -7.76
C THR A 40 -6.58 -20.67 -8.65
N PHE A 41 -7.55 -19.89 -9.12
CA PHE A 41 -7.37 -18.78 -10.07
C PHE A 41 -8.15 -17.57 -9.55
N ILE A 42 -7.70 -16.38 -9.91
CA ILE A 42 -8.54 -15.15 -10.02
C ILE A 42 -8.58 -14.75 -11.50
N ARG A 43 -9.74 -14.86 -12.17
CA ARG A 43 -9.98 -14.32 -13.54
C ARG A 43 -8.81 -14.65 -14.50
N ASP A 44 -8.52 -15.94 -14.62
CA ASP A 44 -7.61 -16.58 -15.59
C ASP A 44 -6.16 -16.56 -15.09
N ILE A 45 -5.90 -15.95 -13.92
CA ILE A 45 -4.54 -15.80 -13.34
C ILE A 45 -4.38 -16.81 -12.21
N PRO A 46 -3.37 -17.71 -12.32
CA PRO A 46 -3.19 -18.78 -11.36
C PRO A 46 -2.44 -18.36 -10.10
N VAL A 47 -2.83 -18.93 -8.97
CA VAL A 47 -1.96 -19.09 -7.78
C VAL A 47 -0.91 -20.13 -8.15
N LEU A 48 0.36 -19.72 -8.26
CA LEU A 48 1.45 -20.60 -8.76
C LEU A 48 2.02 -21.43 -7.61
N GLY A 49 1.93 -20.95 -6.38
CA GLY A 49 2.55 -21.66 -5.24
C GLY A 49 2.75 -20.73 -4.07
N THR A 50 3.62 -21.11 -3.15
CA THR A 50 3.87 -20.44 -1.86
C THR A 50 4.99 -19.41 -2.05
N LEU A 51 5.19 -18.53 -1.08
CA LEU A 51 6.18 -17.43 -1.19
C LEU A 51 7.59 -18.01 -1.33
N ASP A 52 7.87 -19.19 -0.78
CA ASP A 52 9.25 -19.74 -0.85
C ASP A 52 9.55 -20.21 -2.28
N GLU A 53 8.63 -20.01 -3.23
CA GLU A 53 8.87 -20.28 -4.67
C GLU A 53 9.28 -19.00 -5.40
N CYS A 54 9.40 -17.88 -4.69
CA CYS A 54 9.70 -16.56 -5.31
C CYS A 54 11.05 -16.61 -6.06
N SER A 55 12.05 -17.37 -5.59
CA SER A 55 13.38 -17.49 -6.28
C SER A 55 13.24 -18.16 -7.64
N LYS A 56 12.11 -18.80 -7.96
CA LYS A 56 11.88 -19.40 -9.29
C LYS A 56 11.51 -18.32 -10.32
N PHE A 57 11.28 -17.07 -9.89
CA PHE A 57 10.72 -16.01 -10.77
C PHE A 57 11.53 -14.71 -10.68
N THR A 58 12.85 -14.81 -10.56
CA THR A 58 13.76 -13.63 -10.55
C THR A 58 13.69 -12.90 -11.88
N ASP A 59 13.13 -13.51 -12.93
CA ASP A 59 12.91 -12.91 -14.28
C ASP A 59 11.65 -12.04 -14.28
N CYS A 60 10.94 -11.97 -13.14
CA CYS A 60 9.65 -11.24 -13.05
C CYS A 60 9.86 -10.02 -12.15
N ASP A 61 9.05 -8.98 -12.34
CA ASP A 61 8.83 -7.96 -11.29
C ASP A 61 7.87 -8.54 -10.26
N PHE A 62 7.97 -8.06 -9.03
CA PHE A 62 7.08 -8.46 -7.92
C PHE A 62 6.32 -7.23 -7.45
N VAL A 63 5.14 -7.46 -6.89
CA VAL A 63 4.50 -6.50 -5.96
C VAL A 63 3.89 -7.31 -4.81
N ILE A 64 3.90 -6.72 -3.64
CA ILE A 64 3.34 -7.39 -2.43
C ILE A 64 1.94 -6.80 -2.22
N ALA A 65 0.93 -7.48 -2.73
CA ALA A 65 -0.49 -7.05 -2.72
C ALA A 65 -1.15 -7.58 -1.45
N ILE A 66 -0.68 -7.09 -0.31
CA ILE A 66 -1.23 -7.44 1.03
C ILE A 66 -1.43 -6.14 1.79
N GLY A 67 -2.66 -5.90 2.28
CA GLY A 67 -3.07 -4.58 2.79
C GLY A 67 -2.32 -4.22 4.07
N SER A 68 -2.08 -5.19 4.94
CA SER A 68 -1.45 -4.95 6.26
C SER A 68 -0.03 -4.46 6.04
N PRO A 69 0.31 -3.24 6.51
CA PRO A 69 1.69 -2.74 6.38
C PRO A 69 2.75 -3.69 6.96
N ARG A 70 2.47 -4.26 8.12
CA ARG A 70 3.44 -5.14 8.82
C ARG A 70 3.62 -6.42 7.98
N ALA A 71 2.57 -6.90 7.33
CA ALA A 71 2.65 -8.18 6.58
C ALA A 71 3.54 -7.93 5.37
N ARG A 72 3.46 -6.76 4.75
CA ARG A 72 4.35 -6.47 3.60
C ARG A 72 5.80 -6.37 4.08
N LYS A 73 6.03 -5.68 5.20
CA LYS A 73 7.40 -5.50 5.71
C LYS A 73 8.01 -6.88 6.01
N LYS A 74 7.27 -7.70 6.75
CA LYS A 74 7.70 -9.06 7.15
C LYS A 74 8.05 -9.87 5.90
N ILE A 75 7.21 -9.82 4.86
CA ILE A 75 7.43 -10.60 3.60
C ILE A 75 8.71 -10.09 2.91
N ILE A 76 8.87 -8.78 2.80
CA ILE A 76 10.07 -8.19 2.14
C ILE A 76 11.32 -8.65 2.91
N GLU A 77 11.29 -8.55 4.23
CA GLU A 77 12.49 -8.77 5.08
C GLU A 77 12.89 -10.24 5.01
N HIS A 78 11.93 -11.15 4.94
CA HIS A 78 12.23 -12.61 4.91
C HIS A 78 12.57 -13.08 3.50
N PHE A 79 11.76 -12.72 2.49
CA PHE A 79 11.75 -13.42 1.17
C PHE A 79 12.50 -12.62 0.09
N PHE A 80 12.73 -11.31 0.31
CA PHE A 80 13.26 -10.41 -0.75
C PHE A 80 14.50 -9.66 -0.26
N PRO A 81 15.61 -10.37 -0.01
CA PRO A 81 16.87 -9.71 0.32
C PRO A 81 17.27 -8.68 -0.76
N GLU A 82 17.92 -7.63 -0.27
CA GLU A 82 18.29 -6.41 -1.04
C GLU A 82 18.96 -6.82 -2.35
N GLY A 83 18.43 -6.36 -3.48
CA GLY A 83 19.06 -6.46 -4.80
C GLY A 83 18.85 -7.79 -5.49
N GLU A 84 18.16 -8.75 -4.88
CA GLU A 84 17.94 -10.10 -5.47
C GLU A 84 16.71 -10.09 -6.39
N PHE A 85 15.76 -9.19 -6.17
CA PHE A 85 14.48 -9.12 -6.92
C PHE A 85 14.24 -7.68 -7.37
N THR A 86 13.46 -7.52 -8.44
CA THR A 86 12.94 -6.20 -8.87
C THR A 86 11.45 -6.09 -8.57
N PHE A 87 10.97 -4.87 -8.36
CA PHE A 87 9.57 -4.58 -7.97
C PHE A 87 8.96 -3.65 -8.99
N ALA A 88 7.70 -3.88 -9.35
CA ALA A 88 6.92 -3.00 -10.24
C ALA A 88 6.48 -1.80 -9.40
N THR A 89 6.23 -0.69 -10.06
CA THR A 89 5.44 0.44 -9.53
C THR A 89 4.22 0.51 -10.43
N LEU A 90 3.04 0.34 -9.88
CA LEU A 90 1.80 0.26 -10.70
C LEU A 90 0.99 1.51 -10.42
N ILE A 91 0.72 2.27 -11.47
CA ILE A 91 -0.09 3.52 -11.40
C ILE A 91 -1.26 3.38 -12.37
N ASP A 92 -2.47 3.29 -11.83
CA ASP A 92 -3.68 3.13 -12.67
C ASP A 92 -3.73 4.27 -13.68
N PRO A 93 -4.11 3.98 -14.96
CA PRO A 93 -4.27 5.02 -15.96
C PRO A 93 -5.24 6.12 -15.53
N THR A 94 -6.18 5.84 -14.63
CA THR A 94 -7.15 6.85 -14.13
C THR A 94 -6.67 7.51 -12.84
N ALA A 95 -5.50 7.15 -12.32
CA ALA A 95 -4.89 7.91 -11.20
C ALA A 95 -4.33 9.20 -11.77
N THR A 96 -4.36 10.26 -10.99
CA THR A 96 -3.78 11.57 -11.34
C THR A 96 -2.49 11.73 -10.53
N ILE A 97 -1.36 11.79 -11.25
CA ILE A 97 0.01 11.98 -10.68
C ILE A 97 0.46 13.35 -11.19
N GLY A 98 0.60 14.30 -10.28
CA GLY A 98 0.92 15.68 -10.65
C GLY A 98 2.41 15.85 -10.75
N GLU A 99 2.90 16.98 -10.26
CA GLU A 99 4.30 17.39 -10.50
C GLU A 99 5.12 17.20 -9.24
N ASN A 100 6.39 16.84 -9.46
CA ASN A 100 7.37 16.61 -8.37
C ASN A 100 6.79 15.57 -7.41
N ILE A 101 6.31 14.47 -7.98
CA ILE A 101 5.84 13.27 -7.25
C ILE A 101 6.98 12.24 -7.29
N HIS A 102 7.40 11.77 -6.13
CA HIS A 102 8.48 10.77 -6.01
C HIS A 102 7.90 9.52 -5.34
N ILE A 103 7.97 8.40 -6.05
CA ILE A 103 7.33 7.12 -5.63
C ILE A 103 8.39 6.01 -5.70
N GLU A 104 8.64 5.32 -4.60
CA GLU A 104 9.70 4.27 -4.57
C GLU A 104 9.09 2.93 -4.96
N GLU A 105 9.94 1.93 -5.20
CA GLU A 105 9.61 0.64 -5.89
C GLU A 105 8.50 -0.08 -5.10
N GLY A 106 7.66 -0.86 -5.78
CA GLY A 106 6.68 -1.77 -5.13
C GLY A 106 5.39 -1.04 -4.80
N THR A 107 5.29 0.23 -5.17
CA THR A 107 4.11 1.04 -4.78
C THR A 107 2.98 0.83 -5.79
N MET A 108 1.75 0.84 -5.28
CA MET A 108 0.51 0.63 -6.07
C MET A 108 -0.36 1.87 -5.88
N ILE A 109 -0.60 2.62 -6.95
CA ILE A 109 -1.54 3.80 -6.95
C ILE A 109 -2.76 3.35 -7.74
N CYS A 110 -3.90 3.20 -7.06
CA CYS A 110 -5.12 2.60 -7.66
C CYS A 110 -6.02 3.63 -8.37
N ALA A 111 -7.05 3.12 -9.06
CA ALA A 111 -7.98 3.89 -9.93
C ALA A 111 -8.50 5.13 -9.16
N GLY A 112 -8.44 6.28 -9.80
CA GLY A 112 -9.06 7.51 -9.29
C GLY A 112 -8.25 8.15 -8.18
N GLY A 113 -7.10 7.58 -7.79
CA GLY A 113 -6.27 8.20 -6.75
C GLY A 113 -5.71 9.51 -7.28
N ILE A 114 -5.46 10.48 -6.40
CA ILE A 114 -4.90 11.81 -6.79
C ILE A 114 -3.73 12.11 -5.87
N LEU A 115 -2.54 12.29 -6.46
CA LEU A 115 -1.34 12.85 -5.76
C LEU A 115 -1.04 14.16 -6.48
N THR A 116 -1.13 15.31 -5.79
CA THR A 116 -1.14 16.63 -6.46
C THR A 116 0.28 17.11 -6.80
N VAL A 117 0.99 17.63 -5.81
CA VAL A 117 2.35 18.21 -6.03
C VAL A 117 3.21 17.90 -4.81
N ASP A 118 4.51 17.69 -5.03
CA ASP A 118 5.51 17.61 -3.93
C ASP A 118 5.12 16.51 -2.95
N VAL A 119 4.66 15.38 -3.47
CA VAL A 119 4.30 14.20 -2.64
C VAL A 119 5.42 13.18 -2.79
N LYS A 120 5.85 12.63 -1.67
CA LYS A 120 6.93 11.63 -1.59
C LYS A 120 6.35 10.36 -0.98
N LEU A 121 6.56 9.22 -1.65
CA LEU A 121 6.17 7.89 -1.12
C LEU A 121 7.42 7.02 -1.04
N GLY A 122 7.50 6.25 0.03
CA GLY A 122 8.53 5.21 0.19
C GLY A 122 8.17 3.95 -0.57
N LYS A 123 8.87 2.87 -0.25
CA LYS A 123 8.73 1.60 -1.01
C LYS A 123 7.44 0.89 -0.55
N HIS A 124 6.83 0.11 -1.45
CA HIS A 124 5.70 -0.81 -1.11
C HIS A 124 4.61 -0.02 -0.40
N CYS A 125 4.29 1.17 -0.91
CA CYS A 125 3.08 1.91 -0.46
C CYS A 125 1.86 1.47 -1.25
N ILE A 126 0.68 1.67 -0.65
CA ILE A 126 -0.60 1.48 -1.37
C ILE A 126 -1.39 2.77 -1.23
N VAL A 127 -1.82 3.35 -2.35
CA VAL A 127 -2.83 4.43 -2.30
C VAL A 127 -4.03 3.87 -3.02
N ASN A 128 -5.09 3.55 -2.28
CA ASN A 128 -6.26 2.83 -2.84
C ASN A 128 -7.21 3.82 -3.52
N THR A 129 -8.28 3.25 -4.05
CA THR A 129 -9.25 3.85 -4.98
C THR A 129 -9.71 5.21 -4.44
N ASN A 130 -9.56 6.26 -5.23
CA ASN A 130 -10.23 7.57 -5.00
C ASN A 130 -9.62 8.26 -3.80
N ALA A 131 -8.45 7.87 -3.31
CA ALA A 131 -7.83 8.59 -2.18
C ALA A 131 -7.12 9.82 -2.74
N VAL A 132 -6.98 10.84 -1.92
CA VAL A 132 -6.29 12.11 -2.30
C VAL A 132 -5.16 12.41 -1.31
N LEU A 133 -3.96 12.60 -1.87
CA LEU A 133 -2.77 13.07 -1.12
C LEU A 133 -2.45 14.45 -1.69
N SER A 134 -2.67 15.48 -0.88
CA SER A 134 -2.52 16.89 -1.30
C SER A 134 -1.05 17.32 -1.14
N HIS A 135 -0.79 18.61 -1.37
CA HIS A 135 0.58 19.13 -1.54
C HIS A 135 1.45 18.77 -0.34
N GLY A 136 2.71 18.39 -0.59
CA GLY A 136 3.73 18.27 0.46
C GLY A 136 3.57 17.01 1.31
N VAL A 137 2.61 16.14 1.00
CA VAL A 137 2.39 14.91 1.81
C VAL A 137 3.62 14.00 1.68
N ILE A 138 4.05 13.43 2.79
CA ILE A 138 5.17 12.45 2.79
C ILE A 138 4.68 11.15 3.42
N LEU A 139 4.91 10.05 2.72
CA LEU A 139 4.71 8.68 3.22
C LEU A 139 6.08 8.02 3.36
N GLY A 140 6.27 7.32 4.47
CA GLY A 140 7.40 6.41 4.66
C GLY A 140 7.25 5.14 3.83
N ASP A 141 7.94 4.09 4.26
CA ASP A 141 7.83 2.77 3.60
C ASP A 141 6.61 2.02 4.16
N TYR A 142 6.00 1.18 3.31
CA TYR A 142 4.95 0.24 3.73
C TYR A 142 3.75 1.00 4.30
N VAL A 143 3.39 2.13 3.72
CA VAL A 143 2.18 2.87 4.16
C VAL A 143 0.99 2.40 3.33
N THR A 144 -0.13 2.11 4.00
CA THR A 144 -1.40 1.79 3.33
C THR A 144 -2.37 2.96 3.49
N VAL A 145 -2.83 3.51 2.37
CA VAL A 145 -3.92 4.53 2.38
C VAL A 145 -5.14 3.87 1.72
N ALA A 146 -6.22 3.69 2.49
CA ALA A 146 -7.41 2.93 2.04
C ALA A 146 -8.24 3.80 1.10
N PRO A 147 -9.25 3.22 0.43
CA PRO A 147 -10.10 3.98 -0.48
C PRO A 147 -10.65 5.25 0.18
N ASN A 148 -10.68 6.33 -0.61
CA ASN A 148 -11.40 7.59 -0.27
C ASN A 148 -10.75 8.31 0.91
N ALA A 149 -9.55 7.93 1.35
CA ALA A 149 -8.89 8.71 2.42
C ALA A 149 -8.58 10.10 1.90
N SER A 150 -8.66 11.07 2.79
CA SER A 150 -8.55 12.52 2.50
C SER A 150 -7.33 13.04 3.27
N ILE A 151 -6.17 13.05 2.62
CA ILE A 151 -4.89 13.36 3.31
C ILE A 151 -4.47 14.77 2.89
N SER A 152 -4.69 15.72 3.80
CA SER A 152 -4.53 17.16 3.53
C SER A 152 -3.05 17.51 3.40
N GLY A 153 -2.80 18.77 3.09
CA GLY A 153 -1.44 19.25 2.79
C GLY A 153 -0.46 19.00 3.92
N ASP A 154 0.78 18.68 3.58
CA ASP A 154 1.93 18.71 4.51
C ASP A 154 1.74 17.70 5.64
N VAL A 155 0.87 16.70 5.44
CA VAL A 155 0.76 15.60 6.42
C VAL A 155 1.96 14.67 6.24
N SER A 156 2.51 14.17 7.35
CA SER A 156 3.64 13.21 7.33
CA SER A 156 3.64 13.21 7.36
C SER A 156 3.17 11.87 7.90
N LEU A 157 3.29 10.79 7.10
CA LEU A 157 2.91 9.42 7.52
C LEU A 157 4.20 8.59 7.63
N GLY A 158 4.52 8.15 8.84
CA GLY A 158 5.69 7.31 9.11
C GLY A 158 5.62 5.97 8.39
N ASN A 159 6.63 5.14 8.66
CA ASN A 159 6.69 3.76 8.11
C ASN A 159 5.60 2.92 8.74
N ILE A 160 5.09 1.94 7.99
CA ILE A 160 4.07 0.94 8.38
C ILE A 160 2.87 1.63 9.03
N VAL A 161 2.49 2.81 8.51
CA VAL A 161 1.22 3.47 8.90
C VAL A 161 0.09 2.99 8.01
N GLU A 162 -1.11 2.87 8.59
CA GLU A 162 -2.34 2.52 7.84
C GLU A 162 -3.42 3.57 8.13
N ILE A 163 -3.96 4.13 7.05
CA ILE A 163 -5.03 5.15 7.08
C ILE A 163 -6.28 4.51 6.49
N GLY A 164 -7.30 4.31 7.32
CA GLY A 164 -8.53 3.58 6.99
C GLY A 164 -9.40 4.34 6.01
N ALA A 165 -10.37 3.62 5.45
CA ALA A 165 -11.20 4.10 4.33
C ALA A 165 -11.90 5.39 4.73
N ASN A 166 -11.83 6.40 3.83
CA ASN A 166 -12.64 7.63 3.96
C ASN A 166 -12.31 8.36 5.27
N ALA A 167 -11.15 8.10 5.90
CA ALA A 167 -10.65 8.95 7.00
C ALA A 167 -10.18 10.29 6.44
N THR A 168 -10.07 11.27 7.34
CA THR A 168 -9.66 12.64 6.93
C THR A 168 -8.54 13.09 7.86
N ILE A 169 -7.45 13.62 7.30
CA ILE A 169 -6.30 14.06 8.14
CA ILE A 169 -6.27 14.05 8.12
C ILE A 169 -6.05 15.55 7.91
N ARG A 170 -6.08 16.29 9.02
CA ARG A 170 -5.90 17.76 8.99
C ARG A 170 -4.48 18.08 8.50
N GLU A 171 -4.36 19.18 7.76
CA GLU A 171 -3.05 19.66 7.27
C GLU A 171 -2.02 19.69 8.43
N LYS A 172 -0.78 19.33 8.08
CA LYS A 172 0.44 19.42 8.93
C LYS A 172 0.46 18.37 10.05
N VAL A 173 -0.54 17.50 10.14
CA VAL A 173 -0.55 16.41 11.17
C VAL A 173 0.59 15.43 10.88
N SER A 174 1.28 14.99 11.92
CA SER A 174 2.31 13.93 11.81
C SER A 174 1.78 12.65 12.44
N VAL A 175 1.96 11.54 11.72
CA VAL A 175 1.55 10.20 12.20
C VAL A 175 2.82 9.37 12.30
N GLN A 176 3.21 8.97 13.51
CA GLN A 176 4.51 8.30 13.73
CA GLN A 176 4.48 8.28 13.80
C GLN A 176 4.40 6.82 13.33
N ASP A 177 5.55 6.18 13.18
CA ASP A 177 5.65 4.82 12.61
C ASP A 177 4.62 3.90 13.27
N GLY A 178 3.95 3.06 12.47
CA GLY A 178 3.18 1.91 12.96
C GLY A 178 1.78 2.25 13.45
N ALA A 179 1.37 3.50 13.35
CA ALA A 179 0.04 3.93 13.85
C ALA A 179 -1.01 3.50 12.83
N MET A 180 -2.25 3.44 13.28
CA MET A 180 -3.39 3.12 12.39
C MET A 180 -4.53 4.08 12.67
N VAL A 181 -5.09 4.62 11.61
CA VAL A 181 -6.25 5.55 11.69
C VAL A 181 -7.47 4.77 11.23
N GLY A 182 -8.47 4.59 12.11
CA GLY A 182 -9.67 3.84 11.76
C GLY A 182 -10.37 4.44 10.55
N MET A 183 -11.11 3.63 9.84
CA MET A 183 -11.95 4.13 8.73
C MET A 183 -12.83 5.26 9.26
N GLY A 184 -13.00 6.32 8.44
CA GLY A 184 -13.92 7.41 8.77
C GLY A 184 -13.44 8.34 9.88
N SER A 185 -12.24 8.15 10.42
CA SER A 185 -11.73 8.99 11.53
C SER A 185 -11.53 10.42 11.01
N VAL A 186 -11.69 11.38 11.91
CA VAL A 186 -11.37 12.81 11.64
C VAL A 186 -10.20 13.20 12.55
N VAL A 187 -9.01 13.18 11.96
CA VAL A 187 -7.71 13.31 12.66
C VAL A 187 -7.29 14.77 12.65
N ILE A 188 -7.23 15.37 13.83
CA ILE A 188 -6.90 16.82 13.98
C ILE A 188 -5.75 16.99 14.98
N ARG A 189 -5.15 15.89 15.43
CA ARG A 189 -3.99 15.93 16.36
C ARG A 189 -2.92 15.00 15.81
N ASN A 190 -1.66 15.24 16.18
CA ASN A 190 -0.57 14.28 15.85
C ASN A 190 -0.85 12.94 16.52
N ILE A 191 -0.33 11.87 15.93
CA ILE A 191 -0.52 10.49 16.43
C ILE A 191 0.87 9.92 16.71
N LEU A 192 1.02 9.27 17.84
CA LEU A 192 2.31 8.67 18.27
C LEU A 192 2.43 7.24 17.75
N SER A 193 3.66 6.72 17.81
CA SER A 193 4.00 5.38 17.26
CA SER A 193 4.02 5.37 17.29
C SER A 193 3.03 4.32 17.78
N ASN A 194 2.52 3.49 16.84
CA ASN A 194 1.78 2.25 17.14
C ASN A 194 0.41 2.55 17.78
N GLN A 195 -0.03 3.80 17.75
CA GLN A 195 -1.36 4.17 18.31
C GLN A 195 -2.42 3.86 17.27
N VAL A 196 -3.54 3.30 17.70
CA VAL A 196 -4.77 3.22 16.87
C VAL A 196 -5.73 4.30 17.37
N VAL A 197 -6.17 5.17 16.46
CA VAL A 197 -7.16 6.24 16.76
C VAL A 197 -8.40 5.98 15.91
N VAL A 198 -9.57 6.28 16.46
CA VAL A 198 -10.87 6.11 15.79
C VAL A 198 -11.74 7.30 16.13
N GLY A 199 -12.68 7.63 15.24
CA GLY A 199 -13.83 8.45 15.62
C GLY A 199 -13.72 9.87 15.12
N ASN A 200 -14.67 10.70 15.55
CA ASN A 200 -14.80 12.12 15.15
C ASN A 200 -15.08 12.91 16.41
N PRO A 201 -14.10 13.63 16.99
CA PRO A 201 -12.73 13.67 16.48
C PRO A 201 -11.96 12.41 16.89
N ALA A 202 -10.87 12.10 16.19
CA ALA A 202 -10.15 10.84 16.42
C ALA A 202 -9.56 10.84 17.84
N LYS A 203 -9.76 9.75 18.58
CA LYS A 203 -9.18 9.54 19.93
C LYS A 203 -8.55 8.16 20.02
N LEU A 204 -7.57 8.07 20.92
CA LEU A 204 -6.79 6.84 21.13
C LEU A 204 -7.75 5.71 21.48
N LEU A 205 -7.70 4.61 20.73
CA LEU A 205 -8.46 3.38 21.03
C LEU A 205 -7.56 2.39 21.79
N LYS A 206 -6.36 2.16 21.29
CA LYS A 206 -5.46 1.10 21.81
C LYS A 206 -4.10 1.31 21.18
N VAL A 207 -3.11 0.54 21.64
CA VAL A 207 -1.78 0.49 20.97
CA VAL A 207 -1.75 0.46 21.04
C VAL A 207 -1.64 -0.90 20.34
N ILE A 208 -1.08 -0.91 19.14
CA ILE A 208 -1.02 -2.06 18.20
C ILE A 208 0.18 -2.95 18.60
N GLU A 209 1.19 -2.38 19.25
CA GLU A 209 2.40 -3.14 19.68
C GLU A 209 2.61 -2.95 21.18
PA TYD B . -6.79 -11.03 2.84
O1A TYD B . -8.06 -10.94 2.05
O2A TYD B . -6.78 -11.72 4.17
O3A TYD B . -6.18 -9.56 3.06
PB TYD B . -5.62 -8.50 1.96
O1B TYD B . -5.66 -9.26 0.64
O2B TYD B . -4.24 -8.06 2.35
O3B TYD B . -6.64 -7.39 1.99
O5' TYD B . -5.66 -11.68 1.92
C5' TYD B . -4.31 -11.82 2.43
C4' TYD B . -3.68 -12.99 1.73
O4' TYD B . -2.26 -12.93 1.93
C3' TYD B . -4.15 -14.37 2.21
O3' TYD B . -4.61 -15.13 1.10
C2' TYD B . -2.90 -15.00 2.81
C1' TYD B . -1.78 -14.25 2.11
N1 TYD B . -0.52 -14.16 2.88
C2 TYD B . 0.53 -14.97 2.48
O2 TYD B . 0.44 -15.73 1.53
N3 TYD B . 1.66 -14.85 3.26
C4 TYD B . 1.84 -14.00 4.33
O4 TYD B . 2.94 -14.00 4.92
C5 TYD B . 0.70 -13.18 4.68
C5M TYD B . 0.82 -12.23 5.83
C6 TYD B . -0.42 -13.30 3.95
N1A ACO C . -14.63 4.39 14.06
C2A ACO C . -15.23 4.62 15.24
N3A ACO C . -15.22 3.75 16.24
C4A ACO C . -14.59 2.57 16.07
C5A ACO C . -13.94 2.25 14.79
C6A ACO C . -14.00 3.27 13.73
N6A ACO C . -13.39 3.06 12.54
N7A ACO C . -13.40 1.02 14.86
C8A ACO C . -13.68 0.59 16.10
N9A ACO C . -14.38 1.51 16.83
C1B ACO C . -14.80 1.28 18.21
C2B ACO C . -16.00 0.37 18.35
O2B ACO C . -17.15 1.20 18.32
C3B ACO C . -15.72 -0.32 19.68
O3B ACO C . -16.14 0.52 20.75
P3B ACO C . -16.84 -0.07 22.10
O7A ACO C . -15.66 -0.66 22.83
O8A ACO C . -17.44 1.22 22.57
O9A ACO C . -17.79 -1.13 21.59
C4B ACO C . -14.21 -0.44 19.69
O4B ACO C . -13.69 0.62 18.83
C5B ACO C . -13.77 -1.79 19.20
O5B ACO C . -14.38 -2.09 17.91
P1A ACO C . -13.90 -3.32 17.00
O1A ACO C . -14.03 -4.60 17.82
O2A ACO C . -14.72 -3.27 15.75
O3A ACO C . -12.33 -3.07 16.73
P2A ACO C . -11.47 -4.00 15.70
O4A ACO C . -10.10 -4.09 16.28
O5A ACO C . -12.15 -5.19 15.05
O6A ACO C . -11.36 -2.95 14.43
CBP ACO C . -10.40 -1.00 13.42
CCP ACO C . -10.86 -1.67 14.70
CDP ACO C . -9.21 -1.84 12.95
CEP ACO C . -9.98 0.41 13.82
CAP ACO C . -11.46 -1.03 12.29
OAP ACO C . -12.77 -0.53 12.66
C9P ACO C . -11.06 -0.21 11.08
O9P ACO C . -11.24 1.01 11.03
N8P ACO C . -10.58 -0.91 10.04
C7P ACO C . -10.17 -0.30 8.77
C6P ACO C . -11.24 -0.53 7.70
C5P ACO C . -10.78 -0.13 6.32
O5P ACO C . -10.13 0.88 6.15
N4P ACO C . -11.21 -0.90 5.33
C3P ACO C . -10.92 -0.66 3.90
C2P ACO C . -10.11 -1.84 3.36
S1P ACO C . -9.63 -1.67 1.66
C ACO C . -10.96 -2.26 0.79
O ACO C . -11.89 -2.86 1.34
CH3 ACO C . -10.91 -2.12 -0.71
NA NA D . -13.02 10.77 -8.03
NA NA E . -15.25 10.94 1.18
#